data_4MPE
#
_entry.id   4MPE
#
_cell.length_a   110.421
_cell.length_b   110.421
_cell.length_c   228.623
_cell.angle_alpha   90.00
_cell.angle_beta   90.00
_cell.angle_gamma   90.00
#
_symmetry.space_group_name_H-M   'I 41 2 2'
#
loop_
_entity.id
_entity.type
_entity.pdbx_description
1 polymer '[Pyruvate dehydrogenase [lipoamide]] kinase isozyme 2, mitochondrial'
2 non-polymer 4-[(5-hydroxy-1,3-dihydro-2H-isoindol-2-yl)sulfonyl]benzene-1,3-diol
3 non-polymer 'L(+)-TARTARIC ACID'
4 water water
#
_entity_poly.entity_id   1
_entity_poly.type   'polypeptide(L)'
_entity_poly.pdbx_seq_one_letter_code
;SKNASLAGAPKYIEHFSKFSPSPLSMKQFLDFGSSNACEKTSFTFLRQELPVRLANIMKEINLLPDRVLSTPSVQLVQSW
YVQSLLDIMEFLDKDPEDHRTLSQFTDALVTIRNRHNDVVPTMAQGVLEYKDTYGDDPVSNQNIQYFLDRFYLSRISIRM
LINQHTLIFDGSTNPAHPKHIGSIDPNCNVSEVVKDAYDMAKLLCDKYYMASPDLEIQEINAANSKQPIHMVYVPSHLYH
MLFELFKNAMRATVESHESSLILPPIKVMVALGEEDLSIKMSDRGGGVPLRKIERLFSYMYSTAPTPQPGTGGTPLAGFG
YGLPISRLYAKYFQGDLQLFSMEGFGTDAVIYLKALSTDSVERLPVYNKSAWRHYQTIQEAGDWCVPSTEPKNTSTYRVS
;
_entity_poly.pdbx_strand_id   A
#
loop_
_chem_comp.id
_chem_comp.type
_chem_comp.name
_chem_comp.formula
PV8 non-polymer 4-[(5-hydroxy-1,3-dihydro-2H-isoindol-2-yl)sulfonyl]benzene-1,3-diol 'C14 H13 N O5 S'
TLA non-polymer 'L(+)-TARTARIC ACID' 'C4 H6 O6'
#
# COMPACT_ATOMS: atom_id res chain seq x y z
N SER A 5 -0.07 -11.41 33.17
CA SER A 5 0.22 -10.13 33.81
C SER A 5 -0.29 -8.96 32.96
N LEU A 6 -0.76 -9.24 31.76
CA LEU A 6 -1.41 -8.24 30.94
C LEU A 6 -2.93 -8.33 31.11
N ALA A 7 -3.61 -7.22 30.89
CA ALA A 7 -5.07 -7.23 30.83
C ALA A 7 -5.53 -8.00 29.59
N GLY A 8 -6.80 -8.41 29.58
CA GLY A 8 -7.40 -9.01 28.40
C GLY A 8 -7.30 -8.05 27.23
N ALA A 9 -7.06 -8.59 26.04
CA ALA A 9 -6.91 -7.75 24.84
C ALA A 9 -8.03 -6.73 24.61
N PRO A 10 -9.30 -7.11 24.81
CA PRO A 10 -10.38 -6.15 24.55
C PRO A 10 -10.25 -4.85 25.35
N LYS A 11 -9.73 -4.92 26.58
CA LYS A 11 -9.59 -3.71 27.37
C LYS A 11 -8.59 -2.77 26.69
N TYR A 12 -7.51 -3.33 26.17
CA TYR A 12 -6.53 -2.51 25.45
C TYR A 12 -7.11 -2.01 24.13
N ILE A 13 -7.84 -2.86 23.44
CA ILE A 13 -8.39 -2.46 22.14
C ILE A 13 -9.33 -1.27 22.33
N GLU A 14 -10.21 -1.36 23.33
CA GLU A 14 -11.15 -0.29 23.61
C GLU A 14 -10.45 1.02 23.98
N HIS A 15 -9.44 0.91 24.81
CA HIS A 15 -8.67 2.08 25.23
C HIS A 15 -8.00 2.79 24.05
N PHE A 16 -7.25 2.03 23.26
CA PHE A 16 -6.46 2.64 22.19
C PHE A 16 -7.28 3.04 20.97
N SER A 17 -8.44 2.44 20.80
CA SER A 17 -9.24 2.75 19.63
C SER A 17 -9.91 4.11 19.79
N LYS A 18 -9.91 4.64 21.00
CA LYS A 18 -10.44 5.97 21.26
C LYS A 18 -9.62 7.05 20.58
N PHE A 19 -8.33 6.80 20.40
CA PHE A 19 -7.44 7.78 19.79
C PHE A 19 -7.47 7.71 18.28
N SER A 20 -7.15 8.81 17.63
CA SER A 20 -6.96 8.80 16.19
CA SER A 20 -6.96 8.82 16.18
C SER A 20 -5.50 8.54 15.87
N PRO A 21 -5.23 7.76 14.81
CA PRO A 21 -3.83 7.65 14.35
C PRO A 21 -3.28 9.05 14.06
N SER A 22 -1.97 9.23 14.22
CA SER A 22 -1.33 10.50 13.97
C SER A 22 -0.49 10.42 12.70
N PRO A 23 -0.99 11.02 11.60
CA PRO A 23 -0.29 10.93 10.31
C PRO A 23 1.00 11.74 10.33
N LEU A 24 2.08 11.16 9.81
CA LEU A 24 3.35 11.87 9.72
C LEU A 24 3.62 12.23 8.26
N SER A 25 4.36 13.30 8.04
CA SER A 25 4.74 13.69 6.68
C SER A 25 6.07 13.05 6.35
N MET A 26 6.31 12.88 5.05
CA MET A 26 7.60 12.40 4.57
C MET A 26 8.72 13.23 5.18
N LYS A 27 8.48 14.53 5.29
CA LYS A 27 9.46 15.44 5.85
C LYS A 27 9.75 15.14 7.32
N GLN A 28 8.72 14.78 8.07
CA GLN A 28 8.89 14.41 9.47
C GLN A 28 9.65 13.11 9.62
N PHE A 29 9.29 12.10 8.83
CA PHE A 29 10.02 10.83 8.86
C PHE A 29 11.49 11.12 8.61
N LEU A 30 11.74 11.94 7.60
CA LEU A 30 13.09 12.23 7.14
C LEU A 30 13.88 13.01 8.19
N ASP A 31 13.20 13.91 8.88
CA ASP A 31 13.87 14.77 9.87
C ASP A 31 14.15 14.04 11.18
N PHE A 32 13.88 12.75 11.22
CA PHE A 32 14.12 11.97 12.43
C PHE A 32 15.53 11.38 12.45
N GLY A 33 16.24 11.62 13.55
CA GLY A 33 17.64 11.25 13.69
C GLY A 33 17.91 9.88 14.28
N SER A 34 19.18 9.57 14.51
CA SER A 34 19.60 8.22 14.86
C SER A 34 20.28 8.08 16.23
N SER A 35 20.22 9.13 17.05
CA SER A 35 20.87 9.09 18.36
C SER A 35 20.07 8.28 19.38
N ASN A 36 20.67 8.02 20.54
CA ASN A 36 19.98 7.32 21.62
C ASN A 36 18.76 8.11 22.10
N ALA A 37 18.87 9.44 22.09
CA ALA A 37 17.79 10.31 22.50
C ALA A 37 16.69 10.31 21.44
N CYS A 38 17.09 10.12 20.19
CA CYS A 38 16.14 9.94 19.10
C CYS A 38 15.49 8.58 19.22
N GLU A 39 16.27 7.57 19.62
CA GLU A 39 15.71 6.22 19.76
C GLU A 39 14.68 6.15 20.89
N LYS A 40 15.01 6.75 22.03
CA LYS A 40 14.06 6.83 23.13
C LYS A 40 12.76 7.50 22.67
N THR A 41 12.89 8.57 21.90
CA THR A 41 11.74 9.30 21.38
C THR A 41 10.91 8.39 20.47
N SER A 42 11.60 7.67 19.59
CA SER A 42 10.94 6.73 18.69
C SER A 42 10.20 5.70 19.55
N PHE A 43 10.87 5.18 20.56
CA PHE A 43 10.25 4.20 21.45
C PHE A 43 8.99 4.74 22.10
N THR A 44 9.10 5.90 22.75
CA THR A 44 7.95 6.43 23.49
C THR A 44 6.82 6.84 22.55
N PHE A 45 7.16 7.21 21.32
CA PHE A 45 6.15 7.51 20.31
C PHE A 45 5.46 6.23 19.85
N LEU A 46 6.25 5.25 19.44
CA LEU A 46 5.69 4.00 18.88
C LEU A 46 4.92 3.14 19.90
N ARG A 47 5.27 3.21 21.17
CA ARG A 47 4.55 2.38 22.15
C ARG A 47 3.15 2.93 22.40
N GLN A 48 2.90 4.15 21.96
CA GLN A 48 1.55 4.72 21.93
C GLN A 48 0.97 4.60 20.51
N GLU A 49 1.72 5.03 19.50
CA GLU A 49 1.18 5.09 18.15
C GLU A 49 0.85 3.72 17.54
N LEU A 50 1.71 2.74 17.74
CA LEU A 50 1.42 1.44 17.15
C LEU A 50 0.15 0.80 17.76
N PRO A 51 0.02 0.86 19.09
CA PRO A 51 -1.25 0.37 19.66
C PRO A 51 -2.47 1.13 19.15
N VAL A 52 -2.37 2.45 18.98
CA VAL A 52 -3.48 3.21 18.41
C VAL A 52 -3.83 2.68 17.01
N ARG A 53 -2.82 2.50 16.16
CA ARG A 53 -3.09 2.02 14.79
C ARG A 53 -3.59 0.59 14.79
N LEU A 54 -3.01 -0.27 15.62
CA LEU A 54 -3.52 -1.65 15.72
C LEU A 54 -4.98 -1.67 16.21
N ALA A 55 -5.27 -0.98 17.30
CA ALA A 55 -6.62 -0.96 17.86
C ALA A 55 -7.64 -0.42 16.86
N ASN A 56 -7.32 0.68 16.18
CA ASN A 56 -8.27 1.33 15.29
C ASN A 56 -8.74 0.35 14.21
N ILE A 57 -7.79 -0.32 13.58
CA ILE A 57 -8.16 -1.24 12.52
C ILE A 57 -8.81 -2.51 13.07
N MET A 58 -8.41 -2.96 14.25
CA MET A 58 -9.05 -4.13 14.84
C MET A 58 -10.54 -3.88 15.08
N LYS A 59 -10.90 -2.66 15.45
CA LYS A 59 -12.31 -2.32 15.71
C LYS A 59 -13.14 -2.42 14.43
N GLU A 60 -12.51 -2.11 13.30
CA GLU A 60 -13.22 -2.18 12.02
C GLU A 60 -13.37 -3.62 11.53
N ILE A 61 -12.39 -4.46 11.86
CA ILE A 61 -12.52 -5.85 11.52
C ILE A 61 -13.83 -6.34 12.08
N ASN A 62 -14.18 -5.89 13.29
CA ASN A 62 -15.37 -6.40 13.96
C ASN A 62 -16.66 -5.97 13.28
N LEU A 63 -16.54 -5.02 12.34
CA LEU A 63 -17.72 -4.52 11.64
C LEU A 63 -17.98 -5.30 10.35
N LEU A 64 -17.03 -6.14 9.95
CA LEU A 64 -17.22 -7.00 8.77
C LEU A 64 -18.46 -7.83 8.96
N PRO A 65 -19.06 -8.28 7.85
CA PRO A 65 -20.23 -9.16 7.95
C PRO A 65 -19.87 -10.41 8.76
N ASP A 66 -20.82 -10.92 9.54
CA ASP A 66 -20.60 -12.15 10.29
C ASP A 66 -19.99 -13.22 9.37
N ARG A 67 -20.51 -13.32 8.15
CA ARG A 67 -20.05 -14.33 7.18
C ARG A 67 -18.55 -14.26 6.94
N VAL A 68 -18.02 -13.05 6.81
CA VAL A 68 -16.59 -12.87 6.55
C VAL A 68 -15.79 -13.10 7.84
N LEU A 69 -16.30 -12.56 8.94
CA LEU A 69 -15.63 -12.67 10.23
C LEU A 69 -15.52 -14.11 10.69
N SER A 70 -16.51 -14.92 10.31
CA SER A 70 -16.55 -16.31 10.74
C SER A 70 -15.50 -17.19 10.03
N THR A 71 -14.87 -16.68 8.98
CA THR A 71 -13.89 -17.50 8.23
C THR A 71 -12.60 -17.75 9.02
N PRO A 72 -12.00 -18.94 8.88
CA PRO A 72 -10.80 -19.24 9.68
C PRO A 72 -9.64 -18.30 9.37
N SER A 73 -9.46 -17.88 8.12
CA SER A 73 -8.32 -17.04 7.80
C SER A 73 -8.46 -15.60 8.33
N VAL A 74 -9.69 -15.08 8.34
CA VAL A 74 -9.91 -13.78 8.95
C VAL A 74 -9.67 -13.88 10.45
N GLN A 75 -10.18 -14.94 11.06
CA GLN A 75 -9.95 -15.16 12.49
C GLN A 75 -8.47 -15.30 12.82
N LEU A 76 -7.72 -15.94 11.93
CA LEU A 76 -6.27 -16.09 12.13
C LEU A 76 -5.58 -14.72 12.11
N VAL A 77 -5.92 -13.88 11.13
CA VAL A 77 -5.29 -12.56 11.03
C VAL A 77 -5.63 -11.73 12.27
N GLN A 78 -6.89 -11.80 12.69
CA GLN A 78 -7.31 -11.11 13.91
C GLN A 78 -6.44 -11.52 15.09
N SER A 79 -6.18 -12.83 15.20
CA SER A 79 -5.40 -13.33 16.34
C SER A 79 -3.96 -12.80 16.30
N TRP A 80 -3.41 -12.61 15.10
CA TRP A 80 -2.07 -12.04 14.96
C TRP A 80 -2.07 -10.61 15.48
N TYR A 81 -3.06 -9.83 15.06
CA TYR A 81 -3.20 -8.45 15.54
C TYR A 81 -3.31 -8.39 17.06
N VAL A 82 -4.12 -9.28 17.63
CA VAL A 82 -4.27 -9.31 19.08
C VAL A 82 -2.92 -9.55 19.75
N GLN A 83 -2.16 -10.53 19.24
CA GLN A 83 -0.88 -10.86 19.88
C GLN A 83 0.13 -9.72 19.72
N SER A 84 0.09 -9.06 18.57
CA SER A 84 1.02 -7.97 18.33
C SER A 84 0.72 -6.79 19.25
N LEU A 85 -0.56 -6.50 19.44
CA LEU A 85 -0.97 -5.45 20.37
C LEU A 85 -0.46 -5.80 21.77
N LEU A 86 -0.71 -7.02 22.22
CA LEU A 86 -0.29 -7.46 23.55
C LEU A 86 1.23 -7.39 23.72
N ASP A 87 1.97 -7.80 22.69
CA ASP A 87 3.44 -7.71 22.71
C ASP A 87 3.88 -6.30 23.06
N ILE A 88 3.24 -5.30 22.45
CA ILE A 88 3.59 -3.91 22.73
C ILE A 88 3.13 -3.49 24.12
N MET A 89 2.02 -4.05 24.61
CA MET A 89 1.54 -3.71 25.95
C MET A 89 2.57 -4.06 27.02
N GLU A 90 3.41 -5.05 26.74
CA GLU A 90 4.47 -5.44 27.68
C GLU A 90 5.43 -4.28 27.95
N PHE A 91 5.45 -3.30 27.07
CA PHE A 91 6.39 -2.18 27.18
C PHE A 91 5.80 -0.93 27.83
N LEU A 92 4.52 -0.96 28.19
CA LEU A 92 3.87 0.24 28.72
C LEU A 92 4.57 0.82 29.96
N ASP A 93 5.09 -0.05 30.80
CA ASP A 93 5.66 0.41 32.07
C ASP A 93 7.17 0.33 32.09
N LYS A 94 7.77 0.17 30.91
CA LYS A 94 9.22 0.03 30.82
C LYS A 94 9.93 1.37 30.67
N ASP A 95 11.15 1.42 31.19
CA ASP A 95 11.92 2.65 31.25
C ASP A 95 12.71 2.84 29.97
N PRO A 96 12.44 3.92 29.23
CA PRO A 96 13.15 4.22 27.98
C PRO A 96 14.64 4.48 28.22
N GLU A 97 14.98 4.87 29.45
CA GLU A 97 16.37 5.16 29.79
C GLU A 97 17.21 3.89 29.83
N ASP A 98 16.54 2.75 29.99
CA ASP A 98 17.22 1.47 30.05
C ASP A 98 17.44 0.95 28.62
N HIS A 99 18.69 0.81 28.23
CA HIS A 99 19.02 0.40 26.86
C HIS A 99 18.44 -0.97 26.53
N ARG A 100 18.20 -1.77 27.56
CA ARG A 100 17.64 -3.11 27.37
C ARG A 100 16.19 -3.02 26.91
N THR A 101 15.51 -1.97 27.35
CA THR A 101 14.14 -1.72 26.92
C THR A 101 14.15 -1.47 25.41
N LEU A 102 15.07 -0.60 24.98
CA LEU A 102 15.15 -0.22 23.58
C LEU A 102 15.48 -1.40 22.70
N SER A 103 16.45 -2.21 23.09
CA SER A 103 16.85 -3.35 22.28
C SER A 103 15.75 -4.41 22.25
N GLN A 104 15.11 -4.65 23.39
CA GLN A 104 14.00 -5.60 23.44
C GLN A 104 12.83 -5.14 22.57
N PHE A 105 12.60 -3.83 22.56
CA PHE A 105 11.52 -3.25 21.78
C PHE A 105 11.77 -3.47 20.29
N THR A 106 13.00 -3.21 19.85
CA THR A 106 13.34 -3.46 18.46
C THR A 106 13.12 -4.93 18.09
N ASP A 107 13.53 -5.84 18.96
CA ASP A 107 13.30 -7.26 18.75
C ASP A 107 11.80 -7.57 18.61
N ALA A 108 11.01 -7.00 19.50
CA ALA A 108 9.55 -7.21 19.47
C ALA A 108 8.93 -6.72 18.16
N LEU A 109 9.40 -5.59 17.63
CA LEU A 109 8.89 -5.06 16.37
C LEU A 109 9.25 -6.00 15.22
N VAL A 110 10.46 -6.52 15.23
CA VAL A 110 10.87 -7.50 14.22
C VAL A 110 9.98 -8.74 14.27
N THR A 111 9.68 -9.19 15.49
CA THR A 111 8.82 -10.36 15.66
C THR A 111 7.41 -10.09 15.11
N ILE A 112 6.90 -8.88 15.35
CA ILE A 112 5.60 -8.50 14.82
C ILE A 112 5.61 -8.46 13.29
N ARG A 113 6.61 -7.79 12.71
CA ARG A 113 6.68 -7.72 11.25
C ARG A 113 6.66 -9.12 10.63
N ASN A 114 7.49 -10.02 11.16
CA ASN A 114 7.52 -11.40 10.71
C ASN A 114 6.19 -12.12 10.87
N ARG A 115 5.56 -11.96 12.04
CA ARG A 115 4.25 -12.55 12.28
C ARG A 115 3.24 -12.16 11.20
N HIS A 116 3.30 -10.92 10.72
CA HIS A 116 2.28 -10.38 9.83
C HIS A 116 2.69 -10.46 8.37
N ASN A 117 3.80 -11.14 8.12
CA ASN A 117 4.36 -11.19 6.77
C ASN A 117 3.36 -11.64 5.70
N ASP A 118 2.56 -12.65 6.04
CA ASP A 118 1.61 -13.24 5.09
C ASP A 118 0.18 -12.70 5.22
N VAL A 119 0.01 -11.52 5.82
CA VAL A 119 -1.31 -10.95 5.99
C VAL A 119 -2.10 -10.77 4.68
N VAL A 120 -1.45 -10.29 3.62
CA VAL A 120 -2.21 -10.00 2.41
C VAL A 120 -2.87 -11.27 1.81
N PRO A 121 -2.07 -12.32 1.55
CA PRO A 121 -2.69 -13.52 0.99
C PRO A 121 -3.55 -14.28 2.01
N THR A 122 -3.29 -14.12 3.29
CA THR A 122 -4.14 -14.77 4.28
C THR A 122 -5.56 -14.16 4.27
N MET A 123 -5.63 -12.84 4.21
CA MET A 123 -6.93 -12.18 4.08
C MET A 123 -7.63 -12.57 2.79
N ALA A 124 -6.88 -12.68 1.70
CA ALA A 124 -7.46 -13.11 0.44
C ALA A 124 -8.06 -14.52 0.57
N GLN A 125 -7.40 -15.40 1.32
CA GLN A 125 -7.97 -16.73 1.56
C GLN A 125 -9.29 -16.60 2.35
N GLY A 126 -9.33 -15.63 3.26
CA GLY A 126 -10.56 -15.37 4.01
C GLY A 126 -11.70 -14.97 3.08
N VAL A 127 -11.42 -14.11 2.11
CA VAL A 127 -12.44 -13.71 1.13
C VAL A 127 -12.91 -14.91 0.33
N LEU A 128 -11.97 -15.76 -0.07
CA LEU A 128 -12.31 -16.98 -0.79
C LEU A 128 -13.14 -17.92 0.06
N GLU A 129 -12.77 -18.06 1.33
CA GLU A 129 -13.56 -18.90 2.24
C GLU A 129 -14.99 -18.41 2.36
N TYR A 130 -15.16 -17.10 2.45
CA TYR A 130 -16.48 -16.51 2.53
C TYR A 130 -17.29 -16.85 1.27
N LYS A 131 -16.66 -16.68 0.12
CA LYS A 131 -17.32 -16.98 -1.15
C LYS A 131 -17.66 -18.46 -1.29
N ASP A 132 -16.72 -19.34 -0.92
CA ASP A 132 -16.97 -20.78 -0.99
C ASP A 132 -18.01 -21.26 -0.01
N THR A 133 -17.99 -20.72 1.20
CA THR A 133 -18.87 -21.19 2.27
C THR A 133 -20.30 -20.74 2.07
N TYR A 134 -20.48 -19.46 1.70
CA TYR A 134 -21.80 -18.84 1.70
C TYR A 134 -22.31 -18.42 0.33
N GLY A 135 -21.42 -18.31 -0.63
CA GLY A 135 -21.69 -17.60 -1.86
C GLY A 135 -21.54 -16.12 -1.56
N ASP A 136 -21.12 -15.33 -2.53
CA ASP A 136 -20.99 -13.90 -2.28
C ASP A 136 -22.31 -13.18 -2.54
N ASP A 137 -22.48 -12.03 -1.88
CA ASP A 137 -23.64 -11.17 -2.11
C ASP A 137 -23.10 -9.75 -2.22
N PRO A 138 -23.83 -8.88 -2.93
CA PRO A 138 -23.30 -7.54 -3.24
C PRO A 138 -23.12 -6.64 -2.03
N VAL A 139 -23.98 -6.77 -1.02
CA VAL A 139 -23.84 -5.96 0.19
C VAL A 139 -22.53 -6.29 0.91
N SER A 140 -22.31 -7.58 1.17
CA SER A 140 -21.05 -8.02 1.78
C SER A 140 -19.88 -7.62 0.91
N ASN A 141 -20.03 -7.76 -0.41
CA ASN A 141 -18.93 -7.43 -1.31
C ASN A 141 -18.50 -5.97 -1.21
N GLN A 142 -19.48 -5.07 -1.14
CA GLN A 142 -19.17 -3.64 -0.99
C GLN A 142 -18.47 -3.36 0.35
N ASN A 143 -18.96 -3.98 1.42
CA ASN A 143 -18.29 -3.87 2.71
C ASN A 143 -16.87 -4.38 2.67
N ILE A 144 -16.67 -5.54 2.06
CA ILE A 144 -15.34 -6.10 1.92
C ILE A 144 -14.40 -5.15 1.16
N GLN A 145 -14.88 -4.62 0.05
CA GLN A 145 -14.09 -3.67 -0.74
C GLN A 145 -13.67 -2.46 0.12
N TYR A 146 -14.64 -1.83 0.77
CA TYR A 146 -14.38 -0.67 1.63
C TYR A 146 -13.39 -1.01 2.73
N PHE A 147 -13.64 -2.14 3.39
CA PHE A 147 -12.78 -2.55 4.49
C PHE A 147 -11.36 -2.90 4.06
N LEU A 148 -11.22 -3.66 2.97
CA LEU A 148 -9.88 -4.09 2.58
C LEU A 148 -8.99 -2.91 2.17
N ASP A 149 -9.54 -1.94 1.45
CA ASP A 149 -8.76 -0.74 1.13
C ASP A 149 -8.20 -0.13 2.42
N ARG A 150 -9.06 -0.01 3.43
CA ARG A 150 -8.64 0.62 4.68
C ARG A 150 -7.70 -0.29 5.47
N PHE A 151 -8.02 -1.58 5.52
CA PHE A 151 -7.17 -2.53 6.22
C PHE A 151 -5.77 -2.60 5.61
N TYR A 152 -5.68 -2.70 4.30
CA TYR A 152 -4.36 -2.81 3.67
C TYR A 152 -3.56 -1.50 3.78
N LEU A 153 -4.25 -0.37 3.70
CA LEU A 153 -3.56 0.91 3.84
C LEU A 153 -3.04 1.04 5.29
N SER A 154 -3.89 0.67 6.24
CA SER A 154 -3.48 0.66 7.64
C SER A 154 -2.22 -0.20 7.82
N ARG A 155 -2.23 -1.40 7.24
CA ARG A 155 -1.08 -2.28 7.30
CA ARG A 155 -1.08 -2.28 7.31
C ARG A 155 0.17 -1.65 6.72
N ILE A 156 0.03 -1.06 5.54
CA ILE A 156 1.15 -0.34 4.93
C ILE A 156 1.74 0.69 5.90
N SER A 157 0.89 1.42 6.60
CA SER A 157 1.35 2.48 7.50
C SER A 157 2.07 1.91 8.72
N ILE A 158 1.58 0.77 9.21
CA ILE A 158 2.18 0.13 10.36
C ILE A 158 3.55 -0.42 10.00
N ARG A 159 3.64 -1.00 8.81
CA ARG A 159 4.90 -1.54 8.32
C ARG A 159 5.92 -0.41 8.13
N MET A 160 5.44 0.72 7.62
CA MET A 160 6.30 1.90 7.48
C MET A 160 6.94 2.30 8.82
N LEU A 161 6.13 2.43 9.87
CA LEU A 161 6.63 2.83 11.18
C LEU A 161 7.65 1.83 11.71
N ILE A 162 7.34 0.54 11.57
CA ILE A 162 8.24 -0.49 12.04
C ILE A 162 9.54 -0.52 11.24
N ASN A 163 9.45 -0.46 9.92
CA ASN A 163 10.67 -0.45 9.10
C ASN A 163 11.54 0.76 9.42
N GLN A 164 10.92 1.93 9.58
CA GLN A 164 11.69 3.14 9.90
C GLN A 164 12.46 2.95 11.20
N HIS A 165 11.80 2.40 12.21
CA HIS A 165 12.45 2.23 13.50
C HIS A 165 13.58 1.20 13.44
N THR A 166 13.29 0.03 12.85
CA THR A 166 14.27 -1.06 12.84
C THR A 166 15.46 -0.74 11.95
N LEU A 167 15.22 -0.07 10.84
CA LEU A 167 16.31 0.28 9.91
C LEU A 167 17.22 1.34 10.52
N ILE A 168 16.62 2.35 11.13
CA ILE A 168 17.39 3.45 11.68
C ILE A 168 18.14 3.00 12.92
N PHE A 169 17.46 2.25 13.79
CA PHE A 169 18.05 1.88 15.06
C PHE A 169 18.57 0.45 15.10
N ASP A 170 18.87 -0.08 13.92
CA ASP A 170 19.53 -1.38 13.80
C ASP A 170 19.84 -1.70 12.34
N PRO A 175 24.18 -2.06 5.45
CA PRO A 175 23.44 -0.91 4.94
C PRO A 175 23.84 -0.56 3.51
N ALA A 176 23.00 -0.94 2.54
CA ALA A 176 23.29 -0.73 1.12
C ALA A 176 23.45 0.75 0.79
N HIS A 177 22.51 1.56 1.26
CA HIS A 177 22.53 2.99 0.98
C HIS A 177 22.50 3.78 2.29
N PRO A 178 23.68 4.16 2.79
CA PRO A 178 23.81 4.92 4.04
C PRO A 178 23.16 6.31 3.93
N LYS A 179 22.84 6.71 2.71
CA LYS A 179 22.20 8.00 2.46
C LYS A 179 20.69 7.95 2.71
N HIS A 180 20.13 6.75 2.68
CA HIS A 180 18.72 6.57 2.99
C HIS A 180 18.46 6.82 4.47
N ILE A 181 17.26 7.28 4.79
CA ILE A 181 16.84 7.44 6.18
C ILE A 181 15.77 6.37 6.40
N GLY A 182 16.16 5.27 7.03
CA GLY A 182 15.31 4.11 7.09
C GLY A 182 15.07 3.64 5.66
N SER A 183 13.81 3.60 5.26
CA SER A 183 13.45 3.14 3.92
C SER A 183 13.27 4.31 2.95
N ILE A 184 13.60 5.51 3.40
CA ILE A 184 13.37 6.71 2.61
C ILE A 184 14.63 7.17 1.88
N ASP A 185 14.51 7.41 0.58
CA ASP A 185 15.59 7.98 -0.22
C ASP A 185 15.28 9.45 -0.44
N PRO A 186 16.08 10.34 0.18
CA PRO A 186 15.83 11.78 0.06
C PRO A 186 16.13 12.30 -1.35
N ASN A 187 16.79 11.47 -2.16
CA ASN A 187 17.13 11.84 -3.52
CA ASN A 187 17.10 11.84 -3.53
C ASN A 187 16.84 10.71 -4.50
N CYS A 188 15.60 10.22 -4.46
CA CYS A 188 15.18 9.13 -5.32
C CYS A 188 15.12 9.57 -6.79
N ASN A 189 15.95 8.97 -7.63
CA ASN A 189 15.92 9.24 -9.07
C ASN A 189 14.80 8.41 -9.68
N VAL A 190 13.71 9.08 -10.06
CA VAL A 190 12.49 8.38 -10.46
C VAL A 190 12.74 7.48 -11.68
N SER A 191 13.44 8.01 -12.67
CA SER A 191 13.70 7.22 -13.88
C SER A 191 14.54 5.97 -13.60
N GLU A 192 15.44 6.05 -12.63
CA GLU A 192 16.21 4.88 -12.26
C GLU A 192 15.29 3.79 -11.70
N VAL A 193 14.31 4.19 -10.88
CA VAL A 193 13.36 3.20 -10.37
C VAL A 193 12.49 2.64 -11.49
N VAL A 194 12.08 3.51 -12.41
CA VAL A 194 11.35 3.04 -13.57
C VAL A 194 12.14 1.95 -14.29
N LYS A 195 13.42 2.20 -14.53
CA LYS A 195 14.25 1.25 -15.28
C LYS A 195 14.41 -0.08 -14.51
N ASP A 196 14.56 0.01 -13.20
CA ASP A 196 14.70 -1.20 -12.37
C ASP A 196 13.44 -2.06 -12.45
N ALA A 197 12.29 -1.42 -12.32
CA ALA A 197 11.02 -2.13 -12.44
C ALA A 197 10.85 -2.73 -13.84
N TYR A 198 11.21 -1.97 -14.87
CA TYR A 198 11.13 -2.49 -16.23
C TYR A 198 12.03 -3.70 -16.41
N ASP A 199 13.27 -3.61 -15.92
CA ASP A 199 14.24 -4.70 -16.09
C ASP A 199 13.69 -6.00 -15.51
N MET A 200 13.14 -5.91 -14.31
CA MET A 200 12.60 -7.09 -13.62
C MET A 200 11.36 -7.64 -14.34
N ALA A 201 10.47 -6.76 -14.77
CA ALA A 201 9.29 -7.21 -15.51
C ALA A 201 9.69 -7.83 -16.86
N LYS A 202 10.72 -7.27 -17.51
CA LYS A 202 11.23 -7.82 -18.76
C LYS A 202 11.74 -9.25 -18.60
N LEU A 203 12.40 -9.53 -17.48
CA LEU A 203 12.88 -10.89 -17.24
C LEU A 203 11.70 -11.87 -17.26
N LEU A 204 10.62 -11.48 -16.60
CA LEU A 204 9.43 -12.34 -16.54
C LEU A 204 8.76 -12.47 -17.90
N CYS A 205 8.64 -11.36 -18.61
CA CYS A 205 7.98 -11.37 -19.92
C CYS A 205 8.79 -12.20 -20.92
N ASP A 206 10.10 -12.03 -20.93
CA ASP A 206 10.97 -12.81 -21.80
C ASP A 206 10.86 -14.32 -21.47
N LYS A 207 10.74 -14.65 -20.19
CA LYS A 207 10.66 -16.05 -19.80
C LYS A 207 9.45 -16.74 -20.44
N TYR A 208 8.28 -16.10 -20.37
CA TYR A 208 7.04 -16.72 -20.81
C TYR A 208 6.75 -16.53 -22.30
N TYR A 209 7.15 -15.40 -22.85
CA TYR A 209 6.83 -15.08 -24.24
C TYR A 209 8.04 -14.99 -25.17
N MET A 210 9.24 -15.08 -24.60
CA MET A 210 10.47 -15.07 -25.42
C MET A 210 10.64 -13.74 -26.16
N ALA A 211 9.93 -12.72 -25.69
CA ALA A 211 10.03 -11.37 -26.24
C ALA A 211 9.39 -10.41 -25.26
N SER A 212 9.75 -9.14 -25.36
CA SER A 212 9.12 -8.10 -24.56
C SER A 212 9.22 -6.75 -25.23
N PRO A 213 8.28 -5.85 -24.93
CA PRO A 213 8.36 -4.52 -25.54
C PRO A 213 9.55 -3.76 -24.99
N ASP A 214 10.12 -2.88 -25.80
CA ASP A 214 11.16 -1.98 -25.32
C ASP A 214 10.57 -0.92 -24.40
N LEU A 215 11.44 -0.20 -23.71
CA LEU A 215 11.05 0.91 -22.86
C LEU A 215 11.52 2.22 -23.46
N GLU A 216 10.64 3.21 -23.49
CA GLU A 216 11.04 4.59 -23.81
C GLU A 216 10.64 5.49 -22.66
N ILE A 217 11.59 6.24 -22.11
CA ILE A 217 11.30 7.17 -21.03
C ILE A 217 11.52 8.60 -21.49
N GLN A 218 10.56 9.46 -21.18
CA GLN A 218 10.71 10.89 -21.41
C GLN A 218 10.45 11.62 -20.11
N GLU A 219 11.29 12.61 -19.79
CA GLU A 219 11.06 13.41 -18.59
C GLU A 219 10.65 14.82 -19.01
N ILE A 220 9.71 15.38 -18.25
CA ILE A 220 9.30 16.77 -18.42
C ILE A 220 9.48 17.43 -17.06
N ASN A 221 10.58 18.15 -16.90
CA ASN A 221 10.82 18.86 -15.66
C ASN A 221 10.42 20.31 -15.89
N ALA A 222 9.19 20.63 -15.53
CA ALA A 222 8.57 21.85 -16.01
C ALA A 222 9.37 23.10 -15.65
N ALA A 223 9.82 23.17 -14.40
CA ALA A 223 10.51 24.36 -13.90
C ALA A 223 12.00 24.40 -14.24
N ASN A 224 12.59 23.24 -14.53
CA ASN A 224 14.02 23.13 -14.79
C ASN A 224 14.28 22.07 -15.85
N SER A 225 14.04 22.42 -17.11
CA SER A 225 13.95 21.43 -18.17
C SER A 225 15.18 20.52 -18.30
N LYS A 226 16.35 21.01 -17.90
CA LYS A 226 17.55 20.19 -18.02
C LYS A 226 17.65 19.10 -16.94
N GLN A 227 17.21 19.42 -15.74
CA GLN A 227 17.49 18.62 -14.56
C GLN A 227 16.75 17.27 -14.48
N PRO A 228 17.51 16.19 -14.23
CA PRO A 228 16.92 14.88 -13.94
C PRO A 228 15.95 14.98 -12.77
N ILE A 229 14.87 14.23 -12.82
CA ILE A 229 13.81 14.38 -11.83
C ILE A 229 14.08 13.51 -10.60
N HIS A 230 14.15 14.15 -9.45
CA HIS A 230 14.35 13.45 -8.18
C HIS A 230 13.26 13.85 -7.20
N MET A 231 13.06 13.05 -6.17
CA MET A 231 12.07 13.34 -5.14
C MET A 231 12.46 12.63 -3.84
N VAL A 232 11.81 13.03 -2.76
CA VAL A 232 11.89 12.27 -1.52
C VAL A 232 10.80 11.20 -1.56
N TYR A 233 11.19 9.93 -1.52
CA TYR A 233 10.20 8.85 -1.54
C TYR A 233 10.78 7.55 -1.00
N VAL A 234 9.91 6.55 -0.83
CA VAL A 234 10.33 5.22 -0.45
C VAL A 234 10.45 4.40 -1.74
N PRO A 235 11.69 4.15 -2.20
CA PRO A 235 11.86 3.58 -3.55
C PRO A 235 11.17 2.23 -3.70
N SER A 236 11.19 1.41 -2.64
CA SER A 236 10.54 0.09 -2.71
C SER A 236 9.05 0.20 -3.06
N HIS A 237 8.38 1.23 -2.53
CA HIS A 237 6.96 1.41 -2.86
C HIS A 237 6.78 1.82 -4.32
N LEU A 238 7.62 2.74 -4.78
CA LEU A 238 7.53 3.19 -6.17
C LEU A 238 7.84 2.01 -7.08
N TYR A 239 8.89 1.27 -6.73
CA TYR A 239 9.23 0.07 -7.49
C TYR A 239 8.04 -0.89 -7.57
N HIS A 240 7.43 -1.16 -6.42
CA HIS A 240 6.27 -2.06 -6.37
C HIS A 240 5.17 -1.64 -7.36
N MET A 241 4.78 -0.37 -7.35
CA MET A 241 3.74 0.11 -8.25
C MET A 241 4.14 -0.02 -9.73
N LEU A 242 5.35 0.39 -10.05
CA LEU A 242 5.82 0.33 -11.43
C LEU A 242 5.97 -1.10 -11.97
N PHE A 243 6.46 -2.01 -11.12
CA PHE A 243 6.61 -3.42 -11.51
C PHE A 243 5.26 -4.04 -11.89
N GLU A 244 4.27 -3.79 -11.05
CA GLU A 244 2.92 -4.26 -11.32
C GLU A 244 2.38 -3.66 -12.64
N LEU A 245 2.56 -2.36 -12.84
CA LEU A 245 2.09 -1.73 -14.09
C LEU A 245 2.83 -2.27 -15.31
N PHE A 246 4.14 -2.46 -15.20
CA PHE A 246 4.91 -3.01 -16.32
C PHE A 246 4.44 -4.42 -16.67
N LYS A 247 4.17 -5.24 -15.65
CA LYS A 247 3.77 -6.61 -15.92
C LYS A 247 2.48 -6.62 -16.73
N ASN A 248 1.53 -5.79 -16.32
CA ASN A 248 0.27 -5.68 -17.07
C ASN A 248 0.46 -5.13 -18.48
N ALA A 249 1.24 -4.05 -18.61
CA ALA A 249 1.44 -3.44 -19.92
C ALA A 249 2.17 -4.40 -20.87
N MET A 250 3.13 -5.16 -20.33
CA MET A 250 3.88 -6.09 -21.18
C MET A 250 3.00 -7.25 -21.63
N ARG A 251 2.27 -7.82 -20.68
CA ARG A 251 1.39 -8.93 -21.03
C ARG A 251 0.36 -8.49 -22.08
N ALA A 252 -0.25 -7.32 -21.91
CA ALA A 252 -1.22 -6.82 -22.88
C ALA A 252 -0.56 -6.66 -24.26
N THR A 253 0.62 -6.07 -24.27
CA THR A 253 1.33 -5.82 -25.52
C THR A 253 1.64 -7.12 -26.27
N VAL A 254 2.25 -8.09 -25.59
CA VAL A 254 2.62 -9.33 -26.27
C VAL A 254 1.39 -10.12 -26.71
N GLU A 255 0.40 -10.23 -25.83
CA GLU A 255 -0.77 -11.05 -26.15
C GLU A 255 -1.65 -10.47 -27.26
N SER A 256 -1.71 -9.15 -27.36
CA SER A 256 -2.46 -8.50 -28.43
C SER A 256 -1.67 -8.43 -29.73
N HIS A 257 -0.44 -8.95 -29.71
CA HIS A 257 0.38 -8.93 -30.92
C HIS A 257 0.94 -10.31 -31.25
N GLU A 258 0.15 -11.34 -31.00
CA GLU A 258 0.58 -12.73 -31.22
C GLU A 258 1.21 -12.97 -32.59
N SER A 259 0.77 -12.23 -33.61
CA SER A 259 1.25 -12.45 -34.97
C SER A 259 2.47 -11.60 -35.33
N SER A 260 2.84 -10.66 -34.47
CA SER A 260 3.91 -9.72 -34.79
C SER A 260 5.26 -10.07 -34.18
N LEU A 261 6.31 -9.72 -34.93
CA LEU A 261 7.67 -9.82 -34.43
C LEU A 261 8.07 -8.46 -33.91
N ILE A 262 7.39 -7.43 -34.40
CA ILE A 262 7.63 -6.07 -33.95
C ILE A 262 6.61 -5.72 -32.87
N LEU A 263 7.10 -5.40 -31.66
CA LEU A 263 6.20 -5.05 -30.57
C LEU A 263 6.27 -3.55 -30.34
N PRO A 264 5.11 -2.89 -30.17
CA PRO A 264 5.20 -1.48 -29.81
C PRO A 264 5.79 -1.34 -28.41
N PRO A 265 6.61 -0.29 -28.20
CA PRO A 265 7.28 -0.13 -26.91
C PRO A 265 6.30 0.31 -25.84
N ILE A 266 6.68 0.15 -24.58
CA ILE A 266 5.96 0.80 -23.51
C ILE A 266 6.58 2.17 -23.30
N LYS A 267 5.75 3.21 -23.33
CA LYS A 267 6.25 4.58 -23.17
C LYS A 267 5.94 5.15 -21.80
N VAL A 268 6.98 5.61 -21.10
CA VAL A 268 6.78 6.21 -19.78
C VAL A 268 7.15 7.70 -19.83
N MET A 269 6.28 8.54 -19.30
CA MET A 269 6.60 9.94 -19.13
CA MET A 269 6.60 9.94 -19.13
C MET A 269 6.67 10.25 -17.64
N VAL A 270 7.74 10.90 -17.23
CA VAL A 270 7.86 11.35 -15.85
C VAL A 270 7.78 12.87 -15.89
N ALA A 271 6.72 13.42 -15.30
CA ALA A 271 6.51 14.86 -15.31
C ALA A 271 6.63 15.45 -13.90
N LEU A 272 7.38 16.54 -13.77
CA LEU A 272 7.48 17.22 -12.50
C LEU A 272 6.85 18.59 -12.59
N GLY A 273 5.76 18.78 -11.86
CA GLY A 273 5.09 20.07 -11.81
C GLY A 273 5.33 20.73 -10.46
N GLU A 274 4.57 21.77 -10.17
CA GLU A 274 4.72 22.52 -8.93
C GLU A 274 4.27 21.68 -7.75
N GLU A 275 3.28 20.82 -7.98
CA GLU A 275 2.66 20.09 -6.89
C GLU A 275 2.70 18.57 -7.10
N ASP A 276 2.56 18.15 -8.35
CA ASP A 276 2.54 16.72 -8.67
C ASP A 276 3.84 16.25 -9.31
N LEU A 277 4.21 15.01 -9.00
CA LEU A 277 5.17 14.30 -9.82
C LEU A 277 4.37 13.13 -10.34
N SER A 278 4.17 13.13 -11.66
CA SER A 278 3.26 12.17 -12.28
C SER A 278 4.03 11.26 -13.20
N ILE A 279 3.68 9.97 -13.18
CA ILE A 279 4.34 9.00 -14.03
C ILE A 279 3.32 8.27 -14.86
N LYS A 280 3.35 8.49 -16.17
CA LYS A 280 2.39 7.83 -17.06
C LYS A 280 3.05 6.67 -17.81
N MET A 281 2.40 5.51 -17.76
CA MET A 281 2.85 4.36 -18.54
C MET A 281 1.82 4.05 -19.62
N SER A 282 2.22 4.17 -20.88
CA SER A 282 1.31 4.01 -22.03
C SER A 282 1.67 2.75 -22.79
N ASP A 283 0.68 1.89 -23.01
CA ASP A 283 0.91 0.70 -23.83
C ASP A 283 -0.06 0.67 -25.01
N ARG A 284 0.27 -0.12 -26.01
CA ARG A 284 -0.62 -0.34 -27.14
C ARG A 284 -1.04 -1.80 -27.11
N GLY A 285 -1.46 -2.25 -25.93
CA GLY A 285 -1.86 -3.62 -25.73
C GLY A 285 -3.31 -3.94 -26.01
N GLY A 286 -4.00 -3.06 -26.75
CA GLY A 286 -5.36 -3.33 -27.21
C GLY A 286 -6.46 -2.90 -26.25
N GLY A 287 -6.10 -2.58 -25.02
CA GLY A 287 -7.07 -1.99 -24.10
C GLY A 287 -8.13 -2.94 -23.56
N VAL A 288 -9.10 -2.36 -22.87
CA VAL A 288 -10.17 -3.11 -22.23
C VAL A 288 -11.36 -2.15 -22.16
N PRO A 289 -12.60 -2.68 -22.30
CA PRO A 289 -13.75 -1.78 -22.20
C PRO A 289 -13.85 -1.11 -20.84
N LEU A 290 -14.40 0.10 -20.81
CA LEU A 290 -14.55 0.86 -19.58
C LEU A 290 -15.24 0.01 -18.50
N ARG A 291 -16.27 -0.71 -18.91
CA ARG A 291 -17.08 -1.55 -18.01
C ARG A 291 -16.21 -2.43 -17.13
N LYS A 292 -15.04 -2.83 -17.66
CA LYS A 292 -14.18 -3.78 -16.96
C LYS A 292 -13.07 -3.14 -16.11
N ILE A 293 -12.99 -1.82 -16.13
CA ILE A 293 -11.92 -1.13 -15.39
C ILE A 293 -12.07 -1.25 -13.88
N GLU A 294 -13.26 -0.98 -13.37
CA GLU A 294 -13.51 -1.05 -11.94
C GLU A 294 -13.05 -2.37 -11.37
N ARG A 295 -13.37 -3.44 -12.08
CA ARG A 295 -13.04 -4.79 -11.66
C ARG A 295 -11.55 -4.96 -11.40
N LEU A 296 -10.72 -4.18 -12.08
CA LEU A 296 -9.28 -4.33 -11.90
C LEU A 296 -8.84 -3.95 -10.48
N PHE A 297 -9.64 -3.14 -9.82
CA PHE A 297 -9.30 -2.71 -8.46
C PHE A 297 -10.12 -3.45 -7.43
N SER A 298 -10.86 -4.47 -7.90
CA SER A 298 -11.78 -5.21 -7.04
C SER A 298 -11.10 -6.39 -6.38
N TYR A 299 -11.27 -6.51 -5.07
CA TYR A 299 -10.69 -7.64 -4.37
C TYR A 299 -11.51 -8.90 -4.67
N MET A 300 -12.79 -8.73 -4.97
CA MET A 300 -13.68 -9.87 -5.22
C MET A 300 -13.37 -10.53 -6.55
N TYR A 301 -13.32 -9.72 -7.61
CA TYR A 301 -13.00 -10.24 -8.93
C TYR A 301 -11.55 -10.73 -8.99
N SER A 302 -10.69 -10.17 -8.13
CA SER A 302 -9.28 -10.55 -8.08
C SER A 302 -9.05 -11.80 -7.24
N THR A 303 -10.15 -12.38 -6.74
CA THR A 303 -10.10 -13.55 -5.86
C THR A 303 -10.49 -14.82 -6.62
N GLY A 320 -4.20 -12.16 -7.03
CA GLY A 320 -3.81 -10.99 -7.80
C GLY A 320 -4.37 -9.68 -7.25
N TYR A 321 -3.83 -9.24 -6.11
CA TYR A 321 -4.21 -7.96 -5.51
C TYR A 321 -3.22 -6.88 -5.92
N GLY A 322 -2.45 -7.18 -6.96
CA GLY A 322 -1.39 -6.31 -7.42
C GLY A 322 -1.85 -4.88 -7.65
N LEU A 323 -2.90 -4.71 -8.45
CA LEU A 323 -3.35 -3.36 -8.80
C LEU A 323 -3.98 -2.60 -7.62
N PRO A 324 -4.93 -3.22 -6.90
CA PRO A 324 -5.49 -2.46 -5.76
C PRO A 324 -4.44 -2.08 -4.72
N ILE A 325 -3.54 -3.01 -4.40
CA ILE A 325 -2.49 -2.73 -3.45
C ILE A 325 -1.52 -1.64 -3.98
N SER A 326 -1.16 -1.72 -5.27
CA SER A 326 -0.32 -0.66 -5.85
C SER A 326 -0.99 0.71 -5.69
N ARG A 327 -2.30 0.76 -5.93
CA ARG A 327 -3.02 2.02 -5.78
C ARG A 327 -2.99 2.53 -4.32
N LEU A 328 -3.08 1.60 -3.36
CA LEU A 328 -2.97 1.99 -1.96
C LEU A 328 -1.61 2.58 -1.62
N TYR A 329 -0.54 1.99 -2.17
CA TYR A 329 0.78 2.58 -1.99
C TYR A 329 0.79 4.02 -2.50
N ALA A 330 0.18 4.25 -3.65
CA ALA A 330 0.11 5.62 -4.19
C ALA A 330 -0.68 6.55 -3.26
N LYS A 331 -1.81 6.06 -2.78
CA LYS A 331 -2.68 6.86 -1.90
C LYS A 331 -2.05 7.12 -0.54
N TYR A 332 -1.15 6.25 -0.11
CA TYR A 332 -0.59 6.34 1.25
C TYR A 332 0.09 7.69 1.53
N PHE A 333 0.78 8.24 0.55
CA PHE A 333 1.33 9.60 0.73
C PHE A 333 0.58 10.66 -0.09
N GLN A 334 -0.75 10.53 -0.14
CA GLN A 334 -1.64 11.51 -0.77
C GLN A 334 -1.56 11.52 -2.30
N GLY A 335 -1.12 10.41 -2.87
CA GLY A 335 -1.10 10.26 -4.33
C GLY A 335 -2.28 9.42 -4.82
N ASP A 336 -2.15 8.84 -5.99
CA ASP A 336 -3.22 8.01 -6.55
C ASP A 336 -2.63 7.23 -7.73
N LEU A 337 -3.35 6.22 -8.16
CA LEU A 337 -2.96 5.44 -9.33
C LEU A 337 -4.23 5.24 -10.13
N GLN A 338 -4.22 5.72 -11.37
CA GLN A 338 -5.45 5.74 -12.18
C GLN A 338 -5.20 5.06 -13.53
N LEU A 339 -6.22 4.39 -14.06
CA LEU A 339 -6.10 3.72 -15.34
C LEU A 339 -7.15 4.27 -16.28
N PHE A 340 -6.74 4.43 -17.52
N PHE A 340 -6.75 4.54 -17.52
CA PHE A 340 -7.61 4.91 -18.57
CA PHE A 340 -7.71 4.90 -18.56
C PHE A 340 -7.25 4.09 -19.78
C PHE A 340 -7.35 4.30 -19.92
N SER A 341 -8.25 3.43 -20.37
CA SER A 341 -8.01 2.62 -21.53
C SER A 341 -8.77 3.15 -22.72
N MET A 342 -8.34 2.73 -23.90
CA MET A 342 -9.05 2.95 -25.15
CA MET A 342 -9.10 2.94 -25.11
C MET A 342 -9.21 1.58 -25.78
N GLU A 343 -10.40 0.99 -25.66
CA GLU A 343 -10.60 -0.36 -26.16
C GLU A 343 -10.31 -0.42 -27.66
N GLY A 344 -9.48 -1.39 -28.04
CA GLY A 344 -9.07 -1.55 -29.43
C GLY A 344 -7.70 -0.92 -29.68
N PHE A 345 -7.19 -0.16 -28.71
CA PHE A 345 -5.90 0.52 -28.88
C PHE A 345 -4.88 0.19 -27.79
N GLY A 346 -5.15 0.61 -26.56
CA GLY A 346 -4.22 0.39 -25.47
C GLY A 346 -4.63 1.12 -24.22
N THR A 347 -3.71 1.18 -23.26
CA THR A 347 -4.06 1.70 -21.93
C THR A 347 -2.99 2.61 -21.38
N ASP A 348 -3.43 3.71 -20.75
CA ASP A 348 -2.55 4.58 -19.99
C ASP A 348 -2.77 4.32 -18.50
N ALA A 349 -1.69 4.16 -17.75
CA ALA A 349 -1.76 4.11 -16.30
C ALA A 349 -0.94 5.27 -15.75
N VAL A 350 -1.50 5.97 -14.77
CA VAL A 350 -0.80 7.12 -14.20
C VAL A 350 -0.67 6.99 -12.69
N ILE A 351 0.58 7.06 -12.24
CA ILE A 351 0.87 7.20 -10.81
C ILE A 351 1.01 8.70 -10.52
N TYR A 352 0.15 9.21 -9.63
CA TYR A 352 0.25 10.59 -9.16
C TYR A 352 0.90 10.59 -7.78
N LEU A 353 2.01 11.31 -7.65
CA LEU A 353 2.69 11.46 -6.36
C LEU A 353 2.75 12.94 -6.01
N LYS A 354 2.89 13.24 -4.73
CA LYS A 354 3.17 14.61 -4.33
C LYS A 354 4.62 14.92 -4.63
N ALA A 355 4.86 16.07 -5.27
CA ALA A 355 6.22 16.50 -5.58
C ALA A 355 7.01 16.88 -4.33
N LEU A 356 6.33 17.44 -3.33
CA LEU A 356 6.98 18.00 -2.14
C LEU A 356 6.85 17.10 -0.91
N SER A 357 7.95 16.96 -0.16
CA SER A 357 7.94 16.10 1.03
C SER A 357 6.95 16.62 2.08
N THR A 358 6.75 17.94 2.12
CA THR A 358 5.79 18.54 3.05
C THR A 358 4.34 18.20 2.73
N ASP A 359 4.04 17.93 1.46
CA ASP A 359 2.70 17.52 1.04
C ASP A 359 2.50 16.01 1.14
N SER A 360 3.58 15.27 1.33
CA SER A 360 3.49 13.81 1.38
C SER A 360 3.20 13.36 2.81
N VAL A 361 1.92 13.34 3.15
CA VAL A 361 1.46 13.02 4.49
C VAL A 361 0.74 11.69 4.47
N GLU A 362 1.04 10.83 5.45
CA GLU A 362 0.33 9.56 5.56
C GLU A 362 -1.18 9.73 5.44
N ARG A 363 -1.81 8.88 4.64
CA ARG A 363 -3.27 8.80 4.62
C ARG A 363 -3.70 7.58 5.44
N LEU A 364 -4.33 7.84 6.58
CA LEU A 364 -4.62 6.78 7.53
C LEU A 364 -6.12 6.70 7.78
N PRO A 365 -6.69 5.50 7.66
CA PRO A 365 -8.09 5.29 8.03
C PRO A 365 -8.24 5.48 9.53
N VAL A 366 -9.38 5.95 9.98
CA VAL A 366 -9.60 6.12 11.40
C VAL A 366 -10.94 5.53 11.75
N TYR A 367 -11.00 4.88 12.91
CA TYR A 367 -12.25 4.34 13.43
C TYR A 367 -13.09 5.39 14.17
N ASN A 368 -14.16 5.82 13.52
CA ASN A 368 -15.10 6.77 14.11
C ASN A 368 -16.48 6.55 13.54
N LYS A 369 -17.44 7.35 14.00
CA LYS A 369 -18.83 7.21 13.59
C LYS A 369 -18.98 7.16 12.06
N SER A 370 -18.24 8.02 11.37
CA SER A 370 -18.25 8.07 9.91
C SER A 370 -17.88 6.71 9.30
N ALA A 371 -16.73 6.18 9.72
CA ALA A 371 -16.32 4.85 9.30
C ALA A 371 -17.40 3.81 9.66
N TRP A 372 -17.83 3.81 10.92
CA TRP A 372 -18.88 2.91 11.40
C TRP A 372 -20.15 2.95 10.52
N ARG A 373 -20.61 4.16 10.21
CA ARG A 373 -21.82 4.35 9.42
C ARG A 373 -21.66 3.76 8.03
N HIS A 374 -20.47 3.93 7.47
CA HIS A 374 -20.20 3.47 6.13
C HIS A 374 -20.43 1.96 6.00
N TYR A 375 -20.18 1.23 7.08
CA TYR A 375 -20.47 -0.21 7.07
C TYR A 375 -21.97 -0.47 7.15
N GLN A 376 -22.73 0.50 7.66
CA GLN A 376 -24.15 0.26 7.90
C GLN A 376 -24.97 0.30 6.62
N THR A 377 -24.69 -0.64 5.72
CA THR A 377 -25.41 -0.73 4.45
C THR A 377 -26.32 -1.95 4.42
N ILE A 378 -27.15 -2.02 3.39
CA ILE A 378 -28.13 -3.09 3.27
C ILE A 378 -28.83 -3.15 1.90
N GLN A 379 -29.57 -4.22 1.66
CA GLN A 379 -30.11 -4.53 0.34
C GLN A 379 -31.34 -3.72 -0.05
N GLU A 380 -31.31 -3.14 -1.25
CA GLU A 380 -32.38 -2.30 -1.76
C GLU A 380 -32.09 -1.88 -3.21
N ALA A 381 -33.11 -1.34 -3.88
CA ALA A 381 -32.95 -0.84 -5.25
C ALA A 381 -32.22 0.51 -5.25
N GLY A 382 -31.19 0.60 -6.08
CA GLY A 382 -30.37 1.80 -6.17
C GLY A 382 -31.11 3.04 -6.65
N ASP A 383 -30.40 4.17 -6.61
CA ASP A 383 -30.98 5.46 -6.96
C ASP A 383 -31.01 5.74 -8.48
N TRP A 384 -30.59 4.74 -9.27
CA TRP A 384 -30.66 4.85 -10.72
C TRP A 384 -31.53 3.77 -11.33
N CYS A 385 -32.14 4.08 -12.47
CA CYS A 385 -33.08 3.17 -13.11
C CYS A 385 -32.43 1.97 -13.78
N VAL A 386 -33.08 0.82 -13.65
CA VAL A 386 -32.83 -0.34 -14.49
C VAL A 386 -34.00 -0.42 -15.46
N PRO A 387 -33.75 -0.87 -16.70
CA PRO A 387 -34.83 -1.01 -17.69
C PRO A 387 -35.94 -1.93 -17.19
C11 PV8 B . -4.14 -6.03 -19.63
O01 PV8 B . -2.73 -2.48 -20.48
C02 PV8 B . -3.02 -2.46 -19.16
C03 PV8 B . -2.13 -1.88 -18.24
C04 PV8 B . -2.48 -1.91 -16.89
O05 PV8 B . -1.63 -1.39 -16.01
C06 PV8 B . -3.65 -2.47 -16.41
C07 PV8 B . -4.55 -3.05 -17.32
C08 PV8 B . -4.21 -3.03 -18.69
S09 PV8 B . -5.34 -3.77 -19.78
N10 PV8 B . -4.52 -5.01 -20.57
C12 PV8 B . -4.06 -7.29 -20.44
C13 PV8 B . -4.69 -7.04 -21.66
C14 PV8 B . -4.76 -8.02 -22.64
C15 PV8 B . -4.20 -9.26 -22.37
O16 PV8 B . -4.28 -10.23 -23.32
C17 PV8 B . -3.54 -9.53 -21.11
C18 PV8 B . -3.47 -8.58 -20.16
C19 PV8 B . -5.17 -5.63 -21.66
O20 PV8 B . -5.83 -2.88 -20.93
O21 PV8 B . -6.51 -4.21 -19.10
O1 TLA C . -1.58 -9.99 -33.81
O11 TLA C . -2.13 -12.09 -34.07
C1 TLA C . -2.41 -10.93 -33.57
C2 TLA C . -3.60 -10.55 -32.83
O2 TLA C . -3.59 -9.13 -32.91
C3 TLA C . -3.86 -11.21 -31.48
O3 TLA C . -2.78 -11.28 -30.57
C4 TLA C . -5.13 -10.84 -30.83
O4 TLA C . -6.31 -11.06 -31.31
O41 TLA C . -5.13 -10.26 -29.70
#